data_7BFW
#
_entry.id   7BFW
#
_cell.length_a   81.970
_cell.length_b   112.536
_cell.length_c   62.657
_cell.angle_alpha   90.000
_cell.angle_beta   90.000
_cell.angle_gamma   90.000
#
_symmetry.space_group_name_H-M   'C 2 2 21'
#
loop_
_entity.id
_entity.type
_entity.pdbx_description
1 polymer '14-3-3 protein sigma'
2 polymer 'Peptidyl-prolyl cis-trans isomerase NIMA-interacting 1'
3 non-polymer [4-[2-[2,4-bis(fluoranyl)phenyl]imidazol-1-yl]-2-bromanyl-phenyl]methanol
4 non-polymer 'CALCIUM ION'
5 non-polymer 'CHLORIDE ION'
6 water water
#
loop_
_entity_poly.entity_id
_entity_poly.type
_entity_poly.pdbx_seq_one_letter_code
_entity_poly.pdbx_strand_id
1 'polypeptide(L)'
;GAMGSMERASLIQKAKLAEQAERYEDMAAFMKGAVEKGEELS(CSO)EERNLLSVAYKNVVGGQRAAWRVLSSIEQKSNE
EGSEEKGPEVREYREKVETELQGVCDTVLGLLDSHLIKEAGDAESRVFYLKMKGDYYRYLAEVATGDDKKRIIDSARSAY
QEAMDISKKEMPPTNPIRLGLALNFSVFHYEIANSPEEAISLAKTTFDEAMADLHTLSEDSYKDSTLIMQLLRDNLTLWT
ADNAGEEGGEAPQEPQS
;
A
2 'polypeptide(L)' LVKHSQSRRPS(SEP)WRQEK P
#
# COMPACT_ATOMS: atom_id res chain seq x y z
N GLY A 1 20.68 -13.62 5.06
CA GLY A 1 19.45 -13.24 5.72
C GLY A 1 19.18 -14.06 6.97
N ALA A 2 18.55 -13.44 7.97
CA ALA A 2 18.30 -14.12 9.23
C ALA A 2 17.34 -15.29 9.09
N MET A 3 16.51 -15.31 8.05
CA MET A 3 15.57 -16.38 7.82
C MET A 3 16.05 -17.38 6.77
N GLY A 4 17.33 -17.28 6.36
CA GLY A 4 17.84 -18.12 5.30
C GLY A 4 17.85 -19.60 5.61
N SER A 5 17.87 -19.96 6.90
CA SER A 5 17.97 -21.36 7.28
C SER A 5 16.61 -22.04 7.47
N MET A 6 15.51 -21.30 7.39
CA MET A 6 14.20 -21.88 7.63
C MET A 6 13.51 -22.20 6.31
N GLU A 7 12.83 -23.35 6.27
CA GLU A 7 12.09 -23.77 5.09
C GLU A 7 11.07 -22.71 4.66
N ARG A 8 10.87 -22.61 3.34
CA ARG A 8 9.88 -21.68 2.81
C ARG A 8 8.50 -21.95 3.39
N ALA A 9 8.07 -23.21 3.42
CA ALA A 9 6.76 -23.54 3.96
C ALA A 9 6.67 -23.24 5.45
N SER A 10 7.77 -23.43 6.19
CA SER A 10 7.76 -23.10 7.61
C SER A 10 7.60 -21.60 7.83
N LEU A 11 8.25 -20.79 6.99
CA LEU A 11 8.09 -19.34 7.10
C LEU A 11 6.65 -18.92 6.83
N ILE A 12 6.01 -19.52 5.83
CA ILE A 12 4.61 -19.22 5.54
C ILE A 12 3.73 -19.61 6.73
N GLN A 13 3.94 -20.83 7.25
CA GLN A 13 3.17 -21.30 8.39
C GLN A 13 3.33 -20.38 9.59
N LYS A 14 4.56 -19.94 9.86
CA LYS A 14 4.79 -19.08 11.01
C LYS A 14 4.27 -17.66 10.78
N ALA A 15 4.22 -17.21 9.52
CA ALA A 15 3.62 -15.91 9.24
C ALA A 15 2.13 -15.92 9.55
N LYS A 16 1.44 -17.01 9.21
CA LYS A 16 0.02 -17.13 9.57
C LYS A 16 -0.16 -17.19 11.07
N LEU A 17 0.76 -17.85 11.78
CA LEU A 17 0.69 -17.89 13.23
C LEU A 17 0.91 -16.51 13.83
N ALA A 18 1.87 -15.75 13.28
CA ALA A 18 2.13 -14.41 13.79
C ALA A 18 0.93 -13.49 13.56
N GLU A 19 0.23 -13.66 12.44
CA GLU A 19 -0.98 -12.88 12.20
C GLU A 19 -2.04 -13.18 13.28
N GLN A 20 -2.21 -14.45 13.62
CA GLN A 20 -3.16 -14.82 14.67
C GLN A 20 -2.76 -14.23 16.02
N ALA A 21 -1.46 -14.15 16.29
CA ALA A 21 -0.96 -13.58 17.53
C ALA A 21 -0.83 -12.06 17.47
N GLU A 22 -1.19 -11.45 16.34
CA GLU A 22 -1.06 -10.00 16.15
C GLU A 22 0.38 -9.55 16.37
N ARG A 23 1.33 -10.36 15.89
CA ARG A 23 2.75 -10.06 15.95
C ARG A 23 3.19 -9.71 14.53
N TYR A 24 2.88 -8.49 14.10
CA TYR A 24 3.03 -8.15 12.70
C TYR A 24 4.48 -7.88 12.31
N GLU A 25 5.33 -7.50 13.26
N GLU A 25 5.32 -7.50 13.27
CA GLU A 25 6.75 -7.40 12.96
CA GLU A 25 6.75 -7.39 12.99
C GLU A 25 7.34 -8.77 12.65
C GLU A 25 7.36 -8.75 12.68
N ASP A 26 6.99 -9.77 13.47
CA ASP A 26 7.40 -11.14 13.16
C ASP A 26 6.84 -11.59 11.82
N MET A 27 5.56 -11.30 11.59
CA MET A 27 4.91 -11.69 10.33
C MET A 27 5.65 -11.11 9.13
N ALA A 28 6.07 -9.84 9.21
CA ALA A 28 6.78 -9.22 8.11
C ALA A 28 8.15 -9.87 7.92
N ALA A 29 8.84 -10.18 9.01
CA ALA A 29 10.15 -10.82 8.91
C ALA A 29 10.03 -12.20 8.27
N PHE A 30 8.98 -12.94 8.63
CA PHE A 30 8.78 -14.26 8.03
C PHE A 30 8.51 -14.17 6.54
N MET A 31 7.63 -13.25 6.13
CA MET A 31 7.33 -13.11 4.71
C MET A 31 8.50 -12.53 3.92
N LYS A 32 9.31 -11.67 4.53
CA LYS A 32 10.53 -11.24 3.87
C LYS A 32 11.45 -12.42 3.61
N GLY A 33 11.58 -13.32 4.59
CA GLY A 33 12.36 -14.53 4.38
C GLY A 33 11.78 -15.40 3.29
N ALA A 34 10.45 -15.50 3.24
CA ALA A 34 9.80 -16.31 2.20
C ALA A 34 10.06 -15.73 0.82
N VAL A 35 9.92 -14.41 0.67
CA VAL A 35 10.20 -13.76 -0.61
C VAL A 35 11.63 -14.02 -1.04
N GLU A 36 12.58 -13.91 -0.10
CA GLU A 36 13.98 -14.06 -0.43
C GLU A 36 14.38 -15.49 -0.78
N LYS A 37 13.45 -16.45 -0.71
CA LYS A 37 13.73 -17.78 -1.25
C LYS A 37 13.81 -17.77 -2.77
N GLY A 38 13.29 -16.73 -3.41
CA GLY A 38 13.44 -16.56 -4.85
C GLY A 38 12.31 -17.09 -5.69
N GLU A 39 11.32 -17.75 -5.10
CA GLU A 39 10.18 -18.26 -5.85
C GLU A 39 9.05 -17.23 -5.85
N GLU A 40 8.21 -17.32 -6.88
CA GLU A 40 7.06 -16.43 -6.95
C GLU A 40 6.08 -16.73 -5.82
N LEU A 41 5.24 -15.74 -5.51
CA LEU A 41 4.27 -15.85 -4.43
C LEU A 41 2.88 -16.13 -4.98
N SER A 42 2.16 -17.02 -4.31
CA SER A 42 0.76 -17.30 -4.64
C SER A 42 -0.11 -16.12 -4.23
N GLU A 44 -2.51 -16.06 -2.01
CA GLU A 44 -2.58 -16.04 -0.56
C GLU A 44 -1.29 -15.49 0.05
N GLU A 45 -0.15 -15.91 -0.52
CA GLU A 45 1.14 -15.47 0.00
C GLU A 45 1.36 -13.99 -0.24
N ARG A 46 0.95 -13.48 -1.41
CA ARG A 46 1.04 -12.04 -1.66
C ARG A 46 0.24 -11.26 -0.63
N ASN A 47 -0.95 -11.75 -0.26
CA ASN A 47 -1.76 -11.04 0.72
C ASN A 47 -1.10 -11.05 2.09
N LEU A 48 -0.49 -12.19 2.48
CA LEU A 48 0.23 -12.24 3.75
C LEU A 48 1.36 -11.22 3.78
N LEU A 49 2.13 -11.12 2.70
CA LEU A 49 3.18 -10.11 2.61
C LEU A 49 2.60 -8.71 2.77
N SER A 50 1.52 -8.42 2.04
CA SER A 50 0.90 -7.10 2.10
C SER A 50 0.41 -6.78 3.50
N VAL A 51 -0.34 -7.71 4.11
CA VAL A 51 -0.94 -7.45 5.42
C VAL A 51 0.12 -7.20 6.47
N ALA A 52 1.21 -7.99 6.43
CA ALA A 52 2.26 -7.85 7.43
C ALA A 52 2.87 -6.44 7.40
N TYR A 53 3.34 -6.01 6.23
CA TYR A 53 4.02 -4.73 6.15
C TYR A 53 3.07 -3.55 6.27
N LYS A 54 1.82 -3.70 5.82
CA LYS A 54 0.85 -2.64 6.00
C LYS A 54 0.59 -2.37 7.49
N ASN A 55 0.58 -3.43 8.30
CA ASN A 55 0.38 -3.25 9.73
C ASN A 55 1.61 -2.61 10.38
N VAL A 56 2.81 -3.05 9.99
CA VAL A 56 4.03 -2.46 10.56
C VAL A 56 4.11 -0.99 10.22
N VAL A 57 4.02 -0.65 8.93
N VAL A 57 4.03 -0.65 8.93
CA VAL A 57 4.14 0.74 8.52
CA VAL A 57 4.14 0.75 8.52
C VAL A 57 2.93 1.56 8.96
C VAL A 57 2.95 1.55 9.03
N GLY A 58 1.78 0.91 9.15
CA GLY A 58 0.60 1.63 9.61
C GLY A 58 0.78 2.17 11.02
N GLY A 59 1.41 1.38 11.90
CA GLY A 59 1.71 1.87 13.23
C GLY A 59 2.76 2.97 13.23
N GLN A 60 3.73 2.87 12.31
CA GLN A 60 4.76 3.91 12.21
C GLN A 60 4.16 5.22 11.69
N ARG A 61 3.27 5.14 10.70
CA ARG A 61 2.64 6.34 10.18
C ARG A 61 1.79 7.02 11.25
N ALA A 62 0.99 6.24 11.97
CA ALA A 62 0.16 6.80 13.03
C ALA A 62 1.01 7.48 14.10
N ALA A 63 2.12 6.85 14.48
CA ALA A 63 3.02 7.46 15.45
C ALA A 63 3.66 8.72 14.89
N TRP A 64 4.07 8.68 13.61
CA TRP A 64 4.69 9.86 13.00
C TRP A 64 3.73 11.04 12.97
N ARG A 65 2.44 10.79 12.70
CA ARG A 65 1.47 11.86 12.66
C ARG A 65 1.24 12.46 14.05
N VAL A 66 1.22 11.63 15.08
CA VAL A 66 1.11 12.14 16.45
C VAL A 66 2.27 13.07 16.77
N LEU A 67 3.50 12.61 16.47
CA LEU A 67 4.68 13.39 16.81
C LEU A 67 4.79 14.63 15.95
N SER A 68 4.42 14.54 14.67
N SER A 68 4.42 14.54 14.67
CA SER A 68 4.48 15.69 13.78
CA SER A 68 4.49 15.70 13.80
C SER A 68 3.52 16.78 14.24
C SER A 68 3.52 16.79 14.24
N SER A 69 2.34 16.39 14.74
CA SER A 69 1.38 17.37 15.24
C SER A 69 1.91 18.06 16.50
N ILE A 70 2.50 17.29 17.41
CA ILE A 70 3.13 17.88 18.59
C ILE A 70 4.25 18.82 18.18
N GLU A 71 5.04 18.42 17.18
CA GLU A 71 6.14 19.26 16.72
C GLU A 71 5.63 20.57 16.12
N GLN A 72 4.55 20.51 15.35
CA GLN A 72 3.99 21.72 14.75
C GLN A 72 3.46 22.66 15.83
N LYS A 73 2.81 22.11 16.86
CA LYS A 73 2.33 22.95 17.96
C LYS A 73 3.47 23.59 18.73
N SER A 74 4.61 22.89 18.82
CA SER A 74 5.75 23.44 19.56
C SER A 74 6.41 24.59 18.80
N ASN A 75 6.34 24.59 17.48
CA ASN A 75 6.96 25.62 16.67
C ASN A 75 6.05 26.82 16.43
N GLU A 76 4.81 26.79 16.93
CA GLU A 76 3.89 27.90 16.79
C GLU A 76 4.26 29.03 17.75
N GLU A 81 12.59 25.75 20.35
CA GLU A 81 12.94 26.65 21.44
C GLU A 81 12.77 25.97 22.79
N LYS A 82 11.86 25.00 22.85
CA LYS A 82 11.61 24.23 24.05
C LYS A 82 12.44 22.95 24.12
N GLY A 83 13.49 22.85 23.31
CA GLY A 83 14.32 21.66 23.29
C GLY A 83 14.20 20.90 22.00
N PRO A 84 15.23 20.12 21.67
CA PRO A 84 15.24 19.35 20.41
C PRO A 84 14.56 17.99 20.49
N GLU A 85 14.00 17.63 21.64
CA GLU A 85 13.57 16.24 21.87
C GLU A 85 12.44 15.84 20.94
N VAL A 86 11.46 16.73 20.73
CA VAL A 86 10.32 16.37 19.88
C VAL A 86 10.77 16.11 18.45
N ARG A 87 11.56 17.04 17.88
CA ARG A 87 12.09 16.82 16.54
C ARG A 87 12.93 15.55 16.47
N GLU A 88 13.79 15.33 17.47
CA GLU A 88 14.65 14.16 17.48
C GLU A 88 13.84 12.88 17.42
N TYR A 89 12.82 12.76 18.27
CA TYR A 89 12.04 11.53 18.31
C TYR A 89 11.20 11.38 17.05
N ARG A 90 10.65 12.48 16.53
CA ARG A 90 9.94 12.42 15.25
C ARG A 90 10.89 11.95 14.15
N GLU A 91 12.13 12.44 14.16
CA GLU A 91 13.12 11.99 13.17
C GLU A 91 13.44 10.50 13.36
N LYS A 92 13.48 10.04 14.61
CA LYS A 92 13.76 8.63 14.87
C LYS A 92 12.67 7.75 14.27
N VAL A 93 11.41 8.06 14.56
CA VAL A 93 10.30 7.28 14.01
C VAL A 93 10.27 7.40 12.50
N GLU A 94 10.53 8.60 11.98
CA GLU A 94 10.56 8.82 10.54
C GLU A 94 11.60 7.93 9.87
N THR A 95 12.80 7.86 10.43
CA THR A 95 13.87 7.07 9.84
C THR A 95 13.53 5.58 9.86
N GLU A 96 12.88 5.10 10.93
N GLU A 96 12.90 5.11 10.92
CA GLU A 96 12.49 3.71 10.96
CA GLU A 96 12.47 3.72 11.01
C GLU A 96 11.39 3.42 9.95
C GLU A 96 11.40 3.42 9.96
N LEU A 97 10.46 4.35 9.76
CA LEU A 97 9.45 4.18 8.73
C LEU A 97 10.08 4.10 7.34
N GLN A 98 11.02 5.00 7.04
CA GLN A 98 11.67 4.99 5.75
C GLN A 98 12.45 3.70 5.54
N GLY A 99 13.04 3.15 6.61
CA GLY A 99 13.73 1.89 6.50
C GLY A 99 12.83 0.75 6.09
N VAL A 100 11.61 0.71 6.64
CA VAL A 100 10.68 -0.35 6.29
C VAL A 100 10.21 -0.18 4.85
N CYS A 101 9.89 1.06 4.44
CA CYS A 101 9.50 1.30 3.06
C CYS A 101 10.61 0.89 2.10
N ASP A 102 11.85 1.26 2.42
CA ASP A 102 12.97 0.89 1.56
C ASP A 102 13.13 -0.62 1.48
N THR A 103 12.86 -1.32 2.58
CA THR A 103 12.95 -2.78 2.57
C THR A 103 11.91 -3.40 1.64
N VAL A 104 10.67 -2.92 1.71
CA VAL A 104 9.61 -3.45 0.86
C VAL A 104 9.91 -3.15 -0.60
N LEU A 105 10.30 -1.91 -0.89
CA LEU A 105 10.65 -1.55 -2.26
C LEU A 105 11.81 -2.37 -2.77
N GLY A 106 12.73 -2.77 -1.89
CA GLY A 106 13.82 -3.64 -2.31
C GLY A 106 13.35 -5.03 -2.68
N LEU A 107 12.39 -5.57 -1.93
CA LEU A 107 11.81 -6.87 -2.28
C LEU A 107 11.10 -6.80 -3.63
N LEU A 108 10.37 -5.72 -3.88
CA LEU A 108 9.68 -5.56 -5.15
C LEU A 108 10.66 -5.45 -6.30
N ASP A 109 11.76 -4.73 -6.10
N ASP A 109 11.76 -4.72 -6.11
CA ASP A 109 12.76 -4.55 -7.15
CA ASP A 109 12.76 -4.55 -7.15
C ASP A 109 13.67 -5.76 -7.31
C ASP A 109 13.66 -5.77 -7.32
N SER A 110 13.75 -6.63 -6.30
CA SER A 110 14.66 -7.79 -6.32
C SER A 110 13.96 -8.99 -5.67
N HIS A 111 13.15 -9.72 -6.44
CA HIS A 111 12.91 -9.46 -7.86
C HIS A 111 11.44 -9.74 -8.18
N LEU A 112 10.55 -9.31 -7.28
CA LEU A 112 9.14 -9.70 -7.38
C LEU A 112 8.50 -9.17 -8.65
N ILE A 113 8.73 -7.89 -8.98
CA ILE A 113 8.03 -7.28 -10.10
C ILE A 113 8.49 -7.89 -11.43
N LYS A 114 9.80 -8.03 -11.61
CA LYS A 114 10.31 -8.52 -12.89
C LYS A 114 9.90 -9.96 -13.17
N GLU A 115 9.61 -10.76 -12.14
CA GLU A 115 9.18 -12.13 -12.35
C GLU A 115 7.67 -12.27 -12.37
N ALA A 116 6.92 -11.19 -12.18
CA ALA A 116 5.46 -11.23 -12.21
C ALA A 116 5.00 -11.18 -13.66
N GLY A 117 4.62 -12.33 -14.20
CA GLY A 117 4.22 -12.42 -15.58
C GLY A 117 2.74 -12.17 -15.82
N ASP A 118 1.90 -12.70 -14.93
N ASP A 118 1.88 -12.72 -14.95
CA ASP A 118 0.46 -12.52 -15.04
CA ASP A 118 0.46 -12.50 -15.14
C ASP A 118 0.05 -11.11 -14.64
C ASP A 118 0.08 -11.08 -14.73
N ALA A 119 -1.08 -10.65 -15.20
CA ALA A 119 -1.57 -9.32 -14.85
C ALA A 119 -1.92 -9.24 -13.37
N GLU A 120 -2.42 -10.33 -12.80
CA GLU A 120 -2.88 -10.31 -11.41
C GLU A 120 -1.74 -10.03 -10.44
N SER A 121 -0.61 -10.71 -10.62
N SER A 121 -0.61 -10.71 -10.61
CA SER A 121 0.52 -10.51 -9.73
CA SER A 121 0.50 -10.48 -9.68
C SER A 121 1.23 -9.20 -10.01
C SER A 121 1.24 -9.18 -10.00
N ARG A 122 1.39 -8.84 -11.28
CA ARG A 122 2.10 -7.61 -11.62
C ARG A 122 1.37 -6.37 -11.12
N VAL A 123 0.05 -6.35 -11.26
CA VAL A 123 -0.73 -5.24 -10.72
C VAL A 123 -0.61 -5.19 -9.20
N PHE A 124 -0.63 -6.37 -8.56
CA PHE A 124 -0.48 -6.42 -7.10
C PHE A 124 0.82 -5.74 -6.66
N TYR A 125 1.94 -6.11 -7.29
CA TYR A 125 3.23 -5.59 -6.86
C TYR A 125 3.42 -4.13 -7.24
N LEU A 126 2.86 -3.70 -8.38
CA LEU A 126 2.94 -2.29 -8.74
C LEU A 126 2.09 -1.44 -7.82
N LYS A 127 0.95 -1.96 -7.35
CA LYS A 127 0.16 -1.23 -6.37
C LYS A 127 0.91 -1.10 -5.06
N MET A 128 1.61 -2.18 -4.65
CA MET A 128 2.50 -2.12 -3.50
C MET A 128 3.56 -1.04 -3.68
N LYS A 129 4.19 -1.00 -4.85
CA LYS A 129 5.25 -0.01 -5.11
C LYS A 129 4.70 1.41 -4.99
N GLY A 130 3.52 1.65 -5.57
CA GLY A 130 2.90 2.96 -5.42
C GLY A 130 2.61 3.30 -3.98
N ASP A 131 2.10 2.34 -3.21
CA ASP A 131 1.76 2.59 -1.81
C ASP A 131 2.98 3.01 -1.00
N TYR A 132 4.09 2.29 -1.15
CA TYR A 132 5.22 2.56 -0.27
C TYR A 132 6.02 3.79 -0.70
N TYR A 133 6.00 4.13 -1.98
CA TYR A 133 6.48 5.45 -2.36
C TYR A 133 5.56 6.56 -1.84
N ARG A 134 4.26 6.28 -1.78
CA ARG A 134 3.33 7.25 -1.20
C ARG A 134 3.62 7.47 0.28
N TYR A 135 3.93 6.40 1.01
CA TYR A 135 4.28 6.53 2.42
C TYR A 135 5.59 7.30 2.58
N LEU A 136 6.55 7.07 1.68
CA LEU A 136 7.76 7.88 1.68
C LEU A 136 7.46 9.34 1.38
N ALA A 137 6.49 9.58 0.48
CA ALA A 137 6.15 10.95 0.12
C ALA A 137 5.46 11.67 1.27
N GLU A 138 4.78 10.93 2.15
CA GLU A 138 4.07 11.56 3.26
C GLU A 138 5.03 12.28 4.21
N VAL A 139 6.28 11.83 4.29
CA VAL A 139 7.26 12.39 5.21
C VAL A 139 8.38 13.12 4.50
N ALA A 140 8.31 13.26 3.17
CA ALA A 140 9.42 13.79 2.40
C ALA A 140 9.42 15.32 2.40
N THR A 141 10.63 15.90 2.51
CA THR A 141 10.79 17.34 2.49
C THR A 141 12.03 17.81 1.73
N GLY A 142 12.79 16.93 1.11
CA GLY A 142 14.10 17.26 0.58
C GLY A 142 14.12 17.50 -0.91
N ASP A 143 15.33 17.44 -1.49
CA ASP A 143 15.52 17.71 -2.91
C ASP A 143 14.79 16.69 -3.78
N ASP A 144 14.58 15.48 -3.29
CA ASP A 144 14.01 14.40 -4.09
C ASP A 144 12.54 14.17 -3.82
N LYS A 145 11.85 15.11 -3.17
CA LYS A 145 10.45 14.90 -2.83
C LYS A 145 9.59 14.76 -4.10
N LYS A 146 9.82 15.62 -5.09
CA LYS A 146 9.04 15.53 -6.31
C LYS A 146 9.31 14.23 -7.07
N ARG A 147 10.54 13.72 -7.00
CA ARG A 147 10.84 12.45 -7.64
C ARG A 147 10.21 11.28 -6.90
N ILE A 148 10.15 11.36 -5.56
CA ILE A 148 9.44 10.35 -4.79
C ILE A 148 7.97 10.32 -5.18
N ILE A 149 7.36 11.51 -5.28
CA ILE A 149 5.95 11.59 -5.65
C ILE A 149 5.73 11.01 -7.04
N ASP A 150 6.61 11.34 -8.00
CA ASP A 150 6.43 10.81 -9.35
C ASP A 150 6.69 9.32 -9.41
N SER A 151 7.57 8.80 -8.55
CA SER A 151 7.78 7.36 -8.50
C SER A 151 6.51 6.64 -8.06
N ALA A 152 5.80 7.19 -7.08
CA ALA A 152 4.51 6.65 -6.70
C ALA A 152 3.53 6.70 -7.86
N ARG A 153 3.43 7.86 -8.51
CA ARG A 153 2.51 8.03 -9.64
C ARG A 153 2.82 7.06 -10.76
N SER A 154 4.10 6.91 -11.10
CA SER A 154 4.48 6.06 -12.23
C SER A 154 4.11 4.61 -11.98
N ALA A 155 4.28 4.14 -10.74
CA ALA A 155 3.93 2.75 -10.42
C ALA A 155 2.43 2.55 -10.45
N TYR A 156 1.68 3.48 -9.83
CA TYR A 156 0.22 3.42 -9.89
C TYR A 156 -0.27 3.43 -11.32
N GLN A 157 0.31 4.28 -12.17
CA GLN A 157 -0.19 4.46 -13.53
C GLN A 157 0.03 3.21 -14.37
N GLU A 158 1.18 2.57 -14.25
CA GLU A 158 1.40 1.33 -14.98
C GLU A 158 0.43 0.24 -14.53
N ALA A 159 0.21 0.14 -13.21
CA ALA A 159 -0.76 -0.82 -12.70
C ALA A 159 -2.16 -0.52 -13.20
N MET A 160 -2.52 0.76 -13.29
N MET A 160 -2.52 0.76 -13.30
CA MET A 160 -3.84 1.12 -13.80
CA MET A 160 -3.83 1.14 -13.79
C MET A 160 -4.00 0.71 -15.25
C MET A 160 -4.00 0.72 -15.26
N ASP A 161 -2.98 0.99 -16.08
CA ASP A 161 -3.05 0.63 -17.49
C ASP A 161 -3.23 -0.88 -17.68
N ILE A 162 -2.52 -1.67 -16.88
CA ILE A 162 -2.66 -3.13 -17.00
C ILE A 162 -4.04 -3.58 -16.52
N SER A 163 -4.52 -3.04 -15.41
N SER A 163 -4.50 -3.05 -15.40
CA SER A 163 -5.78 -3.50 -14.84
CA SER A 163 -5.77 -3.48 -14.83
C SER A 163 -6.95 -3.17 -15.76
C SER A 163 -6.93 -3.19 -15.79
N LYS A 164 -6.92 -2.02 -16.43
CA LYS A 164 -8.00 -1.67 -17.34
C LYS A 164 -8.02 -2.57 -18.57
N LYS A 165 -6.85 -3.06 -19.00
N LYS A 165 -6.85 -3.07 -19.01
CA LYS A 165 -6.79 -3.89 -20.19
CA LYS A 165 -6.81 -3.90 -20.20
C LYS A 165 -7.08 -5.36 -19.89
C LYS A 165 -7.10 -5.35 -19.88
N GLU A 166 -6.64 -5.85 -18.72
CA GLU A 166 -6.64 -7.28 -18.44
C GLU A 166 -7.64 -7.72 -17.38
N MET A 167 -8.32 -6.81 -16.70
CA MET A 167 -9.19 -7.23 -15.61
C MET A 167 -10.59 -6.66 -15.79
N PRO A 168 -11.60 -7.34 -15.25
CA PRO A 168 -12.95 -6.76 -15.19
C PRO A 168 -13.00 -5.64 -14.16
N PRO A 169 -13.97 -4.72 -14.28
CA PRO A 169 -13.99 -3.55 -13.39
C PRO A 169 -14.25 -3.89 -11.92
N THR A 170 -14.67 -5.11 -11.60
CA THR A 170 -14.97 -5.49 -10.23
C THR A 170 -13.84 -6.28 -9.58
N ASN A 171 -12.74 -6.51 -10.29
CA ASN A 171 -11.64 -7.27 -9.74
C ASN A 171 -11.10 -6.60 -8.49
N PRO A 172 -11.00 -7.31 -7.36
CA PRO A 172 -10.62 -6.64 -6.10
C PRO A 172 -9.29 -5.91 -6.14
N ILE A 173 -8.27 -6.45 -6.81
CA ILE A 173 -7.00 -5.74 -6.85
C ILE A 173 -7.08 -4.53 -7.76
N ARG A 174 -7.92 -4.57 -8.80
CA ARG A 174 -8.15 -3.39 -9.61
C ARG A 174 -8.87 -2.31 -8.81
N LEU A 175 -9.88 -2.70 -8.03
CA LEU A 175 -10.60 -1.73 -7.21
C LEU A 175 -9.71 -1.12 -6.14
N GLY A 176 -8.96 -1.96 -5.43
CA GLY A 176 -8.07 -1.44 -4.40
C GLY A 176 -7.00 -0.52 -4.96
N LEU A 177 -6.49 -0.86 -6.15
CA LEU A 177 -5.50 -0.01 -6.81
C LEU A 177 -6.08 1.37 -7.12
N ALA A 178 -7.29 1.40 -7.68
CA ALA A 178 -7.93 2.68 -8.01
C ALA A 178 -8.22 3.48 -6.75
N LEU A 179 -8.69 2.81 -5.69
CA LEU A 179 -8.91 3.47 -4.41
C LEU A 179 -7.65 4.17 -3.91
N ASN A 180 -6.53 3.45 -3.90
CA ASN A 180 -5.30 4.02 -3.35
C ASN A 180 -4.70 5.07 -4.29
N PHE A 181 -4.83 4.89 -5.60
CA PHE A 181 -4.39 5.92 -6.54
C PHE A 181 -5.20 7.20 -6.36
N SER A 182 -6.50 7.07 -6.07
N SER A 182 -6.50 7.07 -6.08
CA SER A 182 -7.30 8.25 -5.81
CA SER A 182 -7.32 8.24 -5.80
C SER A 182 -6.88 8.94 -4.52
C SER A 182 -6.88 8.94 -4.53
N VAL A 183 -6.53 8.16 -3.49
CA VAL A 183 -6.02 8.75 -2.26
C VAL A 183 -4.70 9.47 -2.53
N PHE A 184 -3.88 8.89 -3.41
CA PHE A 184 -2.64 9.56 -3.82
C PHE A 184 -2.94 10.91 -4.46
N HIS A 185 -3.89 10.94 -5.40
CA HIS A 185 -4.26 12.18 -6.06
C HIS A 185 -4.71 13.23 -5.04
N TYR A 186 -5.55 12.82 -4.08
CA TYR A 186 -6.12 13.78 -3.15
C TYR A 186 -5.07 14.29 -2.15
N GLU A 187 -4.33 13.38 -1.53
CA GLU A 187 -3.50 13.75 -0.39
C GLU A 187 -2.07 14.10 -0.77
N ILE A 188 -1.53 13.52 -1.83
CA ILE A 188 -0.12 13.69 -2.17
C ILE A 188 0.08 14.65 -3.33
N ALA A 189 -0.67 14.46 -4.43
CA ALA A 189 -0.51 15.27 -5.62
C ALA A 189 -1.34 16.55 -5.59
N ASN A 190 -2.12 16.77 -4.54
CA ASN A 190 -2.97 17.95 -4.41
C ASN A 190 -3.88 18.11 -5.64
N SER A 191 -4.47 16.99 -6.06
CA SER A 191 -5.35 16.96 -7.23
C SER A 191 -6.70 16.37 -6.81
N PRO A 192 -7.48 17.11 -6.01
CA PRO A 192 -8.75 16.54 -5.52
C PRO A 192 -9.74 16.22 -6.63
N GLU A 193 -9.76 17.01 -7.71
CA GLU A 193 -10.72 16.74 -8.77
C GLU A 193 -10.37 15.45 -9.51
N GLU A 194 -9.08 15.21 -9.75
CA GLU A 194 -8.66 13.93 -10.32
C GLU A 194 -8.99 12.78 -9.37
N ALA A 195 -8.79 12.99 -8.07
CA ALA A 195 -9.15 11.98 -7.08
C ALA A 195 -10.63 11.65 -7.14
N ILE A 196 -11.47 12.69 -7.19
CA ILE A 196 -12.92 12.49 -7.20
C ILE A 196 -13.35 11.82 -8.50
N SER A 197 -12.80 12.26 -9.63
N SER A 197 -12.80 12.26 -9.63
CA SER A 197 -13.18 11.67 -10.91
CA SER A 197 -13.17 11.67 -10.91
C SER A 197 -12.82 10.20 -10.97
C SER A 197 -12.81 10.20 -10.98
N LEU A 198 -11.63 9.84 -10.47
CA LEU A 198 -11.21 8.44 -10.50
C LEU A 198 -12.11 7.57 -9.62
N ALA A 199 -12.40 8.05 -8.40
CA ALA A 199 -13.22 7.27 -7.49
C ALA A 199 -14.63 7.08 -8.03
N LYS A 200 -15.20 8.11 -8.65
CA LYS A 200 -16.56 8.02 -9.18
C LYS A 200 -16.62 7.07 -10.37
N THR A 201 -15.70 7.23 -11.32
CA THR A 201 -15.66 6.35 -12.49
C THR A 201 -15.41 4.90 -12.09
N THR A 202 -14.52 4.68 -11.13
CA THR A 202 -14.27 3.32 -10.66
C THR A 202 -15.52 2.72 -10.01
N PHE A 203 -16.20 3.49 -9.17
CA PHE A 203 -17.40 2.99 -8.50
C PHE A 203 -18.50 2.66 -9.52
N ASP A 204 -18.74 3.58 -10.47
CA ASP A 204 -19.84 3.39 -11.41
C ASP A 204 -19.60 2.19 -12.32
N GLU A 205 -18.38 2.04 -12.83
CA GLU A 205 -18.10 0.91 -13.72
C GLU A 205 -18.08 -0.41 -12.98
N ALA A 206 -17.73 -0.41 -11.69
CA ALA A 206 -17.87 -1.62 -10.89
C ALA A 206 -19.33 -1.95 -10.65
N MET A 207 -20.14 -0.95 -10.31
CA MET A 207 -21.57 -1.15 -10.10
C MET A 207 -22.22 -1.84 -11.30
N ALA A 208 -21.83 -1.44 -12.52
CA ALA A 208 -22.43 -2.00 -13.72
C ALA A 208 -21.97 -3.41 -14.02
N ASP A 209 -20.89 -3.88 -13.39
CA ASP A 209 -20.37 -5.23 -13.60
C ASP A 209 -20.78 -6.22 -12.52
N LEU A 210 -21.45 -5.75 -11.46
CA LEU A 210 -21.81 -6.64 -10.35
C LEU A 210 -22.71 -7.79 -10.81
N HIS A 211 -23.53 -7.56 -11.83
CA HIS A 211 -24.50 -8.58 -12.25
C HIS A 211 -23.83 -9.86 -12.73
N THR A 212 -22.54 -9.81 -13.08
CA THR A 212 -21.84 -10.99 -13.58
C THR A 212 -21.28 -11.87 -12.48
N LEU A 213 -21.37 -11.45 -11.23
CA LEU A 213 -20.59 -12.06 -10.15
C LEU A 213 -21.41 -13.05 -9.32
N SER A 214 -20.70 -13.99 -8.72
CA SER A 214 -21.28 -14.86 -7.71
C SER A 214 -21.48 -14.10 -6.41
N GLU A 215 -22.13 -14.75 -5.45
CA GLU A 215 -22.35 -14.13 -4.14
C GLU A 215 -21.04 -13.84 -3.43
N ASP A 216 -20.05 -14.72 -3.57
CA ASP A 216 -18.78 -14.53 -2.89
C ASP A 216 -17.97 -13.39 -3.53
N SER A 217 -17.95 -13.33 -4.86
CA SER A 217 -17.26 -12.24 -5.53
C SER A 217 -17.97 -10.92 -5.33
N TYR A 218 -19.31 -10.96 -5.29
CA TYR A 218 -20.10 -9.77 -5.02
C TYR A 218 -19.73 -9.14 -3.69
N LYS A 219 -19.57 -9.97 -2.65
CA LYS A 219 -19.21 -9.45 -1.34
C LYS A 219 -17.84 -8.78 -1.37
N ASP A 220 -16.87 -9.41 -2.04
CA ASP A 220 -15.52 -8.83 -2.11
C ASP A 220 -15.54 -7.47 -2.79
N SER A 221 -16.26 -7.36 -3.91
CA SER A 221 -16.22 -6.13 -4.70
C SER A 221 -16.99 -5.00 -4.01
N THR A 222 -18.16 -5.30 -3.46
CA THR A 222 -18.94 -4.25 -2.81
C THR A 222 -18.26 -3.73 -1.55
N LEU A 223 -17.43 -4.56 -0.90
CA LEU A 223 -16.65 -4.08 0.24
C LEU A 223 -15.74 -2.91 -0.17
N ILE A 224 -15.02 -3.06 -1.27
CA ILE A 224 -14.10 -2.01 -1.70
C ILE A 224 -14.84 -0.84 -2.31
N MET A 225 -15.95 -1.11 -3.01
CA MET A 225 -16.78 -0.02 -3.51
C MET A 225 -17.26 0.87 -2.38
N GLN A 226 -17.56 0.29 -1.22
CA GLN A 226 -17.99 1.08 -0.09
C GLN A 226 -16.89 2.02 0.40
N LEU A 227 -15.63 1.60 0.30
CA LEU A 227 -14.53 2.49 0.65
C LEU A 227 -14.44 3.67 -0.34
N LEU A 228 -14.66 3.39 -1.63
CA LEU A 228 -14.70 4.48 -2.60
C LEU A 228 -15.84 5.44 -2.29
N ARG A 229 -17.01 4.91 -1.92
CA ARG A 229 -18.14 5.75 -1.56
C ARG A 229 -17.83 6.60 -0.33
N ASP A 230 -17.17 6.01 0.67
CA ASP A 230 -16.83 6.75 1.88
C ASP A 230 -15.97 7.97 1.56
N ASN A 231 -14.99 7.80 0.67
CA ASN A 231 -14.14 8.92 0.30
C ASN A 231 -14.92 9.97 -0.50
N LEU A 232 -15.78 9.52 -1.42
CA LEU A 232 -16.58 10.47 -2.19
C LEU A 232 -17.48 11.30 -1.30
N THR A 233 -18.06 10.68 -0.27
CA THR A 233 -18.86 11.43 0.69
C THR A 233 -18.00 12.38 1.51
N LEU A 234 -16.75 11.99 1.81
CA LEU A 234 -15.85 12.88 2.53
C LEU A 234 -15.40 14.05 1.66
N TRP A 235 -15.23 13.82 0.35
CA TRP A 235 -14.65 14.82 -0.53
C TRP A 235 -15.68 15.71 -1.21
N THR A 236 -16.95 15.34 -1.21
CA THR A 236 -17.98 16.14 -1.88
C THR A 236 -19.14 16.47 -0.96
N ARG B 8 -11.44 14.41 8.47
CA ARG B 8 -10.74 13.17 8.72
C ARG B 8 -9.88 12.76 7.52
N ARG B 9 -9.03 11.76 7.71
CA ARG B 9 -8.21 11.26 6.62
C ARG B 9 -9.01 10.28 5.77
N PRO B 10 -8.71 10.16 4.48
CA PRO B 10 -9.48 9.28 3.60
C PRO B 10 -9.10 7.82 3.81
N SER B 11 -9.93 6.95 3.25
CA SER B 11 -9.72 5.51 3.37
C SER B 11 -8.92 4.96 2.20
N TRP B 13 -6.98 1.15 0.98
CA TRP B 13 -7.35 -0.25 1.16
C TRP B 13 -6.94 -0.76 2.54
N ARG B 14 -7.86 -1.46 3.19
CA ARG B 14 -7.61 -2.08 4.47
C ARG B 14 -8.22 -3.48 4.46
N GLN B 15 -7.61 -4.38 5.21
CA GLN B 15 -8.10 -5.75 5.27
C GLN B 15 -9.08 -5.95 6.42
#